data_1SVC
#
_entry.id   1SVC
#
_cell.length_a   137.000
_cell.length_b   137.000
_cell.length_c   57.000
_cell.angle_alpha   90.00
_cell.angle_beta   90.00
_cell.angle_gamma   90.00
#
_symmetry.space_group_name_H-M   'P 41 21 2'
#
loop_
_entity.id
_entity.type
_entity.pdbx_description
1 polymer "DNA (5'-D(*AP*GP*AP*TP*GP*GP*GP*GP*AP*AP*TP*CP*CP*CP*CP*TP*A P*GP*A)-3')"
2 polymer 'PROTEIN (NUCLEAR FACTOR KAPPA-B (NF-KB))'
3 water water
#
loop_
_entity_poly.entity_id
_entity_poly.type
_entity_poly.pdbx_seq_one_letter_code
_entity_poly.pdbx_strand_id
1 'polydeoxyribonucleotide' (DA)(DG)(DA)(DT)(DG)(DG)(DG)(DG)(DA)(DA)(DT)(DC)(DC)(DC)(DC)(DT)(DA)(DG)(DA) D
2 'polypeptide(L)'
;AEDDPYLGRPEQMFHLDPSLTHTIFNPEVFQPQMALPTADGPYLQILEQPKQRGFRFRYVAEGPSHGGLPGASSEKNKKS
YPQVKICNYVGPAKVIVQLVTNGKNIHLHAHSLVGKHCEDGICTVTAGPKDMVVGFANLGILHVTKKKVFETLEARMTEA
CIRGYNPGLLVHPDLAYLQAEGGGDRQLGDREKELIRQAALQQTKEMDLSVVRLMFTAFLPDSTGSFTRRLEPVVSDAIY
DSKAPNASNLKIVRMDRTAGCVTGGEEIYLLCDKVQKDDIQIRFYEEEENGGVWEGFGDFSPTDVHRQFAIVFKTPKYKD
INITKPASVFVQLRRKSDLETSEPKPFLYYPEIKDKEEVQRKRQK
;
P
#
# COMPACT_ATOMS: atom_id res chain seq x y z
N PRO B 42 -4.49 4.85 -27.84
CA PRO B 42 -4.61 3.84 -26.79
C PRO B 42 -3.89 4.19 -25.48
N TYR B 43 -4.64 4.19 -24.38
CA TYR B 43 -4.05 4.48 -23.08
C TYR B 43 -4.52 3.43 -22.07
N LEU B 44 -3.65 3.11 -21.11
CA LEU B 44 -3.94 2.14 -20.07
C LEU B 44 -4.44 2.92 -18.84
N GLN B 45 -5.46 2.39 -18.17
CA GLN B 45 -6.05 3.00 -16.98
C GLN B 45 -6.29 1.99 -15.85
N ILE B 46 -6.50 2.47 -14.62
CA ILE B 46 -6.78 1.60 -13.48
C ILE B 46 -8.27 1.58 -13.13
N LEU B 47 -8.91 0.44 -13.30
CA LEU B 47 -10.33 0.30 -12.98
C LEU B 47 -10.51 0.27 -11.48
N GLU B 48 -9.69 -0.56 -10.82
CA GLU B 48 -9.72 -0.72 -9.37
C GLU B 48 -8.32 -0.74 -8.76
N GLN B 49 -8.03 0.22 -7.89
CA GLN B 49 -6.74 0.28 -7.23
C GLN B 49 -6.60 -0.92 -6.29
N PRO B 50 -5.36 -1.23 -5.89
CA PRO B 50 -5.15 -2.35 -4.96
C PRO B 50 -5.36 -1.76 -3.56
N LYS B 51 -5.80 -2.55 -2.61
CA LYS B 51 -6.04 -2.04 -1.26
C LYS B 51 -4.71 -1.53 -0.69
N GLN B 52 -4.67 -0.23 -0.36
CA GLN B 52 -3.47 0.41 0.19
C GLN B 52 -2.90 -0.27 1.46
N ARG B 53 -3.67 -0.25 2.55
CA ARG B 53 -3.26 -0.86 3.83
C ARG B 53 -3.97 -2.20 4.09
N GLY B 54 -3.33 -3.04 4.89
CA GLY B 54 -3.92 -4.32 5.22
C GLY B 54 -3.13 -5.55 4.83
N PHE B 55 -2.58 -5.56 3.63
CA PHE B 55 -1.79 -6.70 3.16
C PHE B 55 -0.45 -6.78 3.90
N ARG B 56 0.14 -7.97 3.96
CA ARG B 56 1.40 -8.15 4.67
C ARG B 56 2.47 -8.75 3.79
N PHE B 57 3.55 -8.00 3.56
CA PHE B 57 4.66 -8.49 2.74
C PHE B 57 5.30 -9.63 3.51
N ARG B 58 5.76 -10.64 2.79
CA ARG B 58 6.37 -11.83 3.40
C ARG B 58 7.83 -12.05 3.07
N TYR B 59 8.61 -12.44 4.07
CA TYR B 59 10.01 -12.70 3.84
C TYR B 59 10.06 -14.05 3.12
N VAL B 60 11.08 -14.23 2.27
CA VAL B 60 11.24 -15.47 1.48
C VAL B 60 10.88 -16.69 2.30
N ALA B 61 11.45 -16.79 3.48
CA ALA B 61 11.23 -17.90 4.40
C ALA B 61 9.76 -18.19 4.72
N GLU B 62 8.97 -17.14 4.95
CA GLU B 62 7.58 -17.34 5.28
C GLU B 62 6.79 -18.15 4.26
N GLY B 63 7.42 -18.52 3.16
CA GLY B 63 6.74 -19.32 2.18
C GLY B 63 5.89 -18.51 1.23
N PRO B 64 5.29 -19.17 0.22
CA PRO B 64 4.44 -18.51 -0.78
C PRO B 64 2.93 -18.65 -0.57
N SER B 65 2.52 -19.57 0.31
CA SER B 65 1.10 -19.82 0.56
C SER B 65 0.36 -18.91 1.52
N HIS B 66 0.70 -17.63 1.58
CA HIS B 66 0.02 -16.77 2.52
C HIS B 66 -1.17 -15.96 2.08
N GLY B 67 -1.19 -15.52 0.83
CA GLY B 67 -2.33 -14.76 0.37
C GLY B 67 -1.99 -13.73 -0.69
N GLY B 68 -3.00 -13.27 -1.41
CA GLY B 68 -2.79 -12.30 -2.46
C GLY B 68 -3.28 -10.92 -2.10
N LEU B 69 -2.62 -9.93 -2.68
CA LEU B 69 -2.94 -8.55 -2.46
C LEU B 69 -4.33 -8.27 -3.06
N PRO B 70 -5.27 -7.69 -2.28
CA PRO B 70 -6.64 -7.38 -2.72
C PRO B 70 -6.82 -5.99 -3.37
N GLY B 71 -8.06 -5.72 -3.81
CA GLY B 71 -8.38 -4.44 -4.44
C GLY B 71 -8.98 -3.48 -3.44
N ALA B 72 -9.31 -2.28 -3.88
CA ALA B 72 -9.87 -1.26 -2.99
C ALA B 72 -11.32 -1.45 -2.54
N SER B 73 -12.13 -2.21 -3.29
CA SER B 73 -13.55 -2.41 -2.96
C SER B 73 -13.95 -3.21 -1.70
N SER B 74 -14.84 -2.62 -0.91
CA SER B 74 -15.34 -3.19 0.33
C SER B 74 -16.73 -3.85 0.20
N GLU B 75 -17.22 -3.90 -1.04
CA GLU B 75 -18.52 -4.52 -1.37
C GLU B 75 -18.58 -5.95 -0.79
N LYS B 76 -19.68 -6.28 -0.12
CA LYS B 76 -19.87 -7.61 0.51
C LYS B 76 -19.84 -8.78 -0.50
N ASN B 77 -19.33 -9.93 -0.05
CA ASN B 77 -19.24 -11.14 -0.88
C ASN B 77 -18.48 -10.98 -2.19
N LYS B 78 -17.38 -10.23 -2.16
CA LYS B 78 -16.54 -9.99 -3.34
C LYS B 78 -15.09 -9.97 -2.86
N LYS B 79 -14.28 -10.86 -3.43
CA LYS B 79 -12.86 -10.93 -3.05
C LYS B 79 -12.03 -9.78 -3.67
N SER B 80 -12.65 -9.03 -4.59
CA SER B 80 -12.05 -7.88 -5.29
C SER B 80 -10.53 -7.79 -5.45
N TYR B 81 -10.06 -7.96 -6.69
CA TYR B 81 -8.65 -7.89 -7.02
C TYR B 81 -8.38 -6.57 -7.76
N PRO B 82 -7.19 -5.97 -7.56
CA PRO B 82 -6.91 -4.70 -8.26
C PRO B 82 -7.07 -4.88 -9.78
N GLN B 83 -7.63 -3.88 -10.46
CA GLN B 83 -7.88 -3.96 -11.90
C GLN B 83 -7.37 -2.83 -12.81
N VAL B 84 -6.96 -3.21 -14.01
CA VAL B 84 -6.45 -2.30 -15.02
C VAL B 84 -7.31 -2.47 -16.29
N LYS B 85 -7.26 -1.50 -17.20
CA LYS B 85 -8.04 -1.55 -18.44
C LYS B 85 -7.28 -0.86 -19.56
N ILE B 86 -7.16 -1.53 -20.69
CA ILE B 86 -6.50 -0.95 -21.85
C ILE B 86 -7.60 -0.24 -22.64
N CYS B 87 -7.72 1.06 -22.41
CA CYS B 87 -8.72 1.86 -23.09
C CYS B 87 -8.26 2.22 -24.50
N ASN B 88 -9.19 2.12 -25.45
CA ASN B 88 -8.99 2.39 -26.88
C ASN B 88 -8.40 1.20 -27.64
N TYR B 89 -9.02 0.06 -27.38
CA TYR B 89 -8.77 -1.25 -27.98
C TYR B 89 -7.62 -1.45 -29.00
N VAL B 90 -6.57 -2.17 -28.62
CA VAL B 90 -5.48 -2.45 -29.57
C VAL B 90 -5.22 -3.96 -29.53
N GLY B 91 -4.32 -4.46 -30.39
CA GLY B 91 -4.01 -5.88 -30.45
C GLY B 91 -3.73 -6.51 -29.10
N PRO B 92 -4.17 -7.78 -28.87
CA PRO B 92 -4.00 -8.56 -27.63
C PRO B 92 -2.73 -8.18 -26.85
N ALA B 93 -2.82 -7.05 -26.15
CA ALA B 93 -1.71 -6.49 -25.40
C ALA B 93 -1.09 -7.32 -24.28
N LYS B 94 0.15 -6.94 -23.95
CA LYS B 94 0.94 -7.56 -22.90
C LYS B 94 1.07 -6.56 -21.76
N VAL B 95 0.33 -6.77 -20.66
CA VAL B 95 0.42 -5.89 -19.48
C VAL B 95 1.38 -6.48 -18.44
N ILE B 96 2.32 -5.66 -17.99
CA ILE B 96 3.28 -6.10 -16.98
C ILE B 96 3.13 -5.25 -15.72
N VAL B 97 3.53 -5.84 -14.59
CA VAL B 97 3.49 -5.16 -13.30
C VAL B 97 4.90 -5.22 -12.71
N GLN B 98 5.38 -4.06 -12.25
CA GLN B 98 6.70 -3.97 -11.62
C GLN B 98 6.54 -3.24 -10.29
N LEU B 99 7.34 -3.61 -9.31
CA LEU B 99 7.29 -2.94 -8.02
C LEU B 99 8.22 -1.71 -8.07
N VAL B 100 7.65 -0.52 -7.89
CA VAL B 100 8.43 0.71 -7.91
C VAL B 100 8.33 1.37 -6.55
N THR B 101 9.19 2.34 -6.32
CA THR B 101 9.22 3.05 -5.06
C THR B 101 8.12 4.07 -4.98
N ASN B 102 7.96 4.60 -3.77
CA ASN B 102 6.96 5.59 -3.43
C ASN B 102 7.72 6.88 -3.06
N GLY B 103 8.89 7.08 -3.65
CA GLY B 103 9.67 8.27 -3.37
C GLY B 103 9.24 9.43 -4.24
N LYS B 104 9.82 10.62 -4.04
CA LYS B 104 9.44 11.77 -4.86
C LYS B 104 9.62 11.40 -6.33
N ASN B 105 10.81 10.93 -6.66
CA ASN B 105 11.15 10.51 -8.01
C ASN B 105 10.97 8.97 -8.02
N ILE B 106 10.39 8.43 -9.08
CA ILE B 106 10.18 6.98 -9.19
C ILE B 106 11.50 6.26 -9.44
N HIS B 107 11.63 5.08 -8.88
CA HIS B 107 12.83 4.25 -9.02
C HIS B 107 12.34 2.81 -8.80
N LEU B 108 12.98 1.81 -9.43
CA LEU B 108 12.60 0.40 -9.23
C LEU B 108 12.74 0.00 -7.76
N HIS B 109 11.85 -0.86 -7.27
CA HIS B 109 11.93 -1.30 -5.88
C HIS B 109 12.67 -2.61 -5.73
N ALA B 110 13.23 -2.83 -4.54
CA ALA B 110 13.99 -4.03 -4.24
C ALA B 110 13.14 -5.28 -4.00
N HIS B 111 11.92 -5.08 -3.51
CA HIS B 111 11.00 -6.19 -3.27
C HIS B 111 10.60 -6.84 -4.59
N SER B 112 10.07 -8.05 -4.50
CA SER B 112 9.63 -8.76 -5.67
C SER B 112 8.16 -9.06 -5.62
N LEU B 113 7.54 -9.09 -6.78
CA LEU B 113 6.15 -9.48 -6.86
C LEU B 113 6.33 -10.97 -7.05
N VAL B 114 5.64 -11.79 -6.26
CA VAL B 114 5.71 -13.25 -6.41
C VAL B 114 4.28 -13.77 -6.35
N GLY B 115 3.95 -14.74 -7.18
CA GLY B 115 2.61 -15.27 -7.16
C GLY B 115 2.22 -15.93 -8.46
N LYS B 116 0.92 -15.95 -8.73
CA LYS B 116 0.37 -16.57 -9.93
C LYS B 116 1.10 -16.29 -11.23
N HIS B 117 0.97 -15.08 -11.75
CA HIS B 117 1.66 -14.77 -13.00
C HIS B 117 2.95 -13.99 -12.80
N CYS B 118 3.90 -14.55 -12.05
CA CYS B 118 5.15 -13.87 -11.77
C CYS B 118 6.45 -14.68 -11.99
N GLU B 119 7.51 -13.95 -12.34
CA GLU B 119 8.85 -14.51 -12.56
C GLU B 119 9.88 -13.40 -12.38
N ASP B 120 10.84 -13.62 -11.50
CA ASP B 120 11.89 -12.65 -11.21
C ASP B 120 11.37 -11.26 -10.86
N GLY B 121 10.48 -11.21 -9.87
CA GLY B 121 9.92 -9.94 -9.42
C GLY B 121 8.86 -9.26 -10.26
N ILE B 122 8.73 -9.65 -11.53
CA ILE B 122 7.75 -9.01 -12.44
C ILE B 122 6.54 -9.91 -12.72
N CYS B 123 5.39 -9.28 -12.97
CA CYS B 123 4.16 -10.01 -13.26
C CYS B 123 3.81 -9.77 -14.72
N THR B 124 3.54 -10.85 -15.47
CA THR B 124 3.16 -10.75 -16.89
C THR B 124 1.89 -11.52 -17.28
N VAL B 125 0.95 -10.81 -17.89
CA VAL B 125 -0.31 -11.38 -18.33
C VAL B 125 -0.77 -10.67 -19.60
N THR B 126 -1.50 -11.38 -20.47
CA THR B 126 -1.99 -10.85 -21.73
C THR B 126 -3.49 -10.48 -21.68
N ALA B 127 -3.90 -9.48 -22.46
CA ALA B 127 -5.29 -9.06 -22.50
C ALA B 127 -6.04 -9.61 -23.73
N GLY B 128 -6.96 -10.56 -23.50
CA GLY B 128 -7.73 -11.16 -24.59
C GLY B 128 -8.68 -10.17 -25.26
N PRO B 129 -8.91 -10.27 -26.60
CA PRO B 129 -9.80 -9.37 -27.35
C PRO B 129 -11.19 -9.13 -26.74
N LYS B 130 -11.85 -10.20 -26.28
CA LYS B 130 -13.16 -10.06 -25.66
C LYS B 130 -12.97 -9.83 -24.15
N ASP B 131 -11.85 -9.19 -23.80
CA ASP B 131 -11.50 -8.92 -22.42
C ASP B 131 -10.29 -7.98 -22.33
N MET B 132 -10.47 -6.72 -22.71
CA MET B 132 -9.40 -5.71 -22.65
C MET B 132 -9.04 -5.36 -21.19
N VAL B 133 -9.79 -5.95 -20.27
CA VAL B 133 -9.60 -5.76 -18.85
C VAL B 133 -8.84 -6.99 -18.32
N VAL B 134 -7.79 -6.75 -17.56
CA VAL B 134 -7.01 -7.83 -16.99
C VAL B 134 -6.85 -7.55 -15.49
N GLY B 135 -7.50 -8.37 -14.67
CA GLY B 135 -7.40 -8.22 -13.23
C GLY B 135 -6.27 -9.09 -12.66
N PHE B 136 -5.74 -8.71 -11.51
CA PHE B 136 -4.64 -9.45 -10.90
C PHE B 136 -4.98 -10.19 -9.61
N ALA B 137 -4.97 -11.52 -9.67
CA ALA B 137 -5.29 -12.34 -8.51
C ALA B 137 -4.07 -13.12 -8.04
N ASN B 138 -3.83 -13.08 -6.74
CA ASN B 138 -2.70 -13.77 -6.09
C ASN B 138 -1.31 -13.20 -6.32
N LEU B 139 -1.16 -11.92 -6.04
CA LEU B 139 0.13 -11.29 -6.14
C LEU B 139 0.55 -11.13 -4.71
N GLY B 140 1.76 -11.60 -4.42
CA GLY B 140 2.31 -11.48 -3.10
C GLY B 140 3.50 -10.53 -3.19
N ILE B 141 3.92 -9.97 -2.06
CA ILE B 141 5.04 -9.06 -2.11
C ILE B 141 6.14 -9.64 -1.23
N LEU B 142 7.22 -10.05 -1.89
CA LEU B 142 8.39 -10.62 -1.23
C LEU B 142 9.19 -9.48 -0.61
N HIS B 143 9.43 -9.59 0.69
CA HIS B 143 10.14 -8.58 1.46
C HIS B 143 11.61 -8.93 1.56
N VAL B 144 12.47 -8.10 0.99
CA VAL B 144 13.91 -8.32 1.05
C VAL B 144 14.38 -7.76 2.41
N THR B 145 15.50 -8.27 2.93
CA THR B 145 16.02 -7.79 4.21
C THR B 145 16.80 -6.53 3.94
N LYS B 146 16.98 -5.72 4.99
CA LYS B 146 17.73 -4.49 4.88
C LYS B 146 19.15 -4.77 4.41
N LYS B 147 19.77 -5.77 5.02
CA LYS B 147 21.14 -6.17 4.71
C LYS B 147 21.38 -6.74 3.31
N LYS B 148 20.33 -7.08 2.58
CA LYS B 148 20.48 -7.61 1.23
C LYS B 148 19.84 -6.71 0.17
N VAL B 149 19.52 -5.49 0.56
CA VAL B 149 18.89 -4.54 -0.34
C VAL B 149 19.65 -4.21 -1.63
N PHE B 150 20.94 -3.89 -1.52
CA PHE B 150 21.73 -3.53 -2.71
C PHE B 150 21.79 -4.63 -3.76
N GLU B 151 22.35 -5.79 -3.38
CA GLU B 151 22.50 -6.90 -4.31
C GLU B 151 21.20 -7.37 -4.94
N THR B 152 20.07 -7.08 -4.31
CA THR B 152 18.79 -7.45 -4.87
C THR B 152 18.29 -6.34 -5.80
N LEU B 153 18.47 -5.08 -5.39
CA LEU B 153 18.05 -3.94 -6.20
C LEU B 153 18.79 -4.02 -7.52
N GLU B 154 20.08 -4.28 -7.45
CA GLU B 154 20.92 -4.37 -8.63
C GLU B 154 20.46 -5.48 -9.59
N ALA B 155 20.17 -6.65 -9.02
CA ALA B 155 19.70 -7.80 -9.80
C ALA B 155 18.37 -7.52 -10.51
N ARG B 156 17.50 -6.78 -9.83
CA ARG B 156 16.19 -6.42 -10.39
C ARG B 156 16.35 -5.43 -11.55
N MET B 157 17.31 -4.51 -11.43
CA MET B 157 17.59 -3.53 -12.47
C MET B 157 18.16 -4.22 -13.70
N THR B 158 19.14 -5.09 -13.48
CA THR B 158 19.76 -5.84 -14.56
C THR B 158 18.70 -6.48 -15.45
N GLU B 159 17.80 -7.24 -14.83
CA GLU B 159 16.75 -7.92 -15.56
C GLU B 159 15.85 -6.99 -16.38
N ALA B 160 15.34 -5.92 -15.78
CA ALA B 160 14.47 -4.97 -16.49
C ALA B 160 15.19 -4.27 -17.65
N CYS B 161 16.51 -4.16 -17.54
CA CYS B 161 17.36 -3.55 -18.59
C CYS B 161 17.41 -4.54 -19.75
N ILE B 162 17.61 -5.80 -19.38
CA ILE B 162 17.67 -6.92 -20.32
C ILE B 162 16.30 -7.23 -20.93
N ARG B 163 15.24 -6.88 -20.20
CA ARG B 163 13.87 -7.10 -20.65
C ARG B 163 13.25 -5.86 -21.29
N GLY B 164 13.93 -4.72 -21.13
CA GLY B 164 13.45 -3.47 -21.68
C GLY B 164 12.23 -2.92 -20.97
N TYR B 165 12.12 -3.26 -19.70
CA TYR B 165 10.98 -2.81 -18.92
C TYR B 165 11.22 -1.48 -18.24
N ASN B 166 11.05 -0.44 -19.04
CA ASN B 166 11.22 0.94 -18.59
C ASN B 166 12.52 1.21 -17.88
N PRO B 167 13.65 0.72 -18.44
CA PRO B 167 14.94 0.95 -17.79
C PRO B 167 15.35 2.44 -17.75
N GLY B 168 14.92 3.21 -18.75
CA GLY B 168 15.24 4.62 -18.79
C GLY B 168 14.61 5.33 -17.61
N LEU B 169 13.37 4.95 -17.33
CA LEU B 169 12.62 5.50 -16.22
C LEU B 169 13.18 5.02 -14.88
N LEU B 170 13.09 3.70 -14.67
CA LEU B 170 13.49 3.02 -13.43
C LEU B 170 14.96 2.83 -13.02
N VAL B 171 15.91 3.01 -13.93
CA VAL B 171 17.32 2.84 -13.58
C VAL B 171 18.14 4.10 -13.84
N HIS B 172 18.28 4.45 -15.12
CA HIS B 172 19.04 5.65 -15.51
C HIS B 172 18.53 6.10 -16.87
N PRO B 173 18.24 7.41 -17.02
CA PRO B 173 17.75 7.96 -18.30
C PRO B 173 18.63 7.64 -19.52
N ASP B 174 19.90 7.31 -19.27
CA ASP B 174 20.86 6.96 -20.31
C ASP B 174 20.68 5.56 -20.89
N LEU B 175 19.85 4.76 -20.26
CA LEU B 175 19.62 3.41 -20.77
C LEU B 175 18.30 3.36 -21.55
N ALA B 176 17.78 4.53 -21.91
CA ALA B 176 16.51 4.68 -22.65
C ALA B 176 16.47 3.87 -23.93
N TYR B 177 17.61 3.74 -24.59
CA TYR B 177 17.70 2.96 -25.82
C TYR B 177 17.38 1.49 -25.56
N LEU B 178 17.73 1.00 -24.38
CA LEU B 178 17.48 -0.38 -23.99
C LEU B 178 15.99 -0.69 -23.90
N GLN B 179 15.15 0.31 -24.15
CA GLN B 179 13.71 0.12 -24.12
C GLN B 179 13.35 -0.95 -25.17
N ALA B 180 12.57 -1.95 -24.75
CA ALA B 180 12.13 -3.07 -25.60
C ALA B 180 13.28 -3.84 -26.26
N GLU B 181 14.46 -3.75 -25.64
CA GLU B 181 15.70 -4.39 -26.10
C GLU B 181 16.58 -4.81 -24.90
N GLY B 182 17.72 -5.44 -25.18
CA GLY B 182 18.61 -5.86 -24.10
C GLY B 182 19.29 -7.21 -24.27
N GLY B 183 18.54 -8.21 -24.74
CA GLY B 183 19.10 -9.55 -24.95
C GLY B 183 19.69 -10.17 -23.71
N GLY B 184 18.94 -11.08 -23.07
CA GLY B 184 19.33 -11.75 -21.83
C GLY B 184 20.77 -12.16 -21.53
N ASP B 185 21.53 -11.28 -20.86
CA ASP B 185 22.95 -11.49 -20.51
C ASP B 185 23.81 -11.39 -21.78
N ARG B 186 23.33 -12.04 -22.84
CA ARG B 186 23.96 -12.09 -24.16
C ARG B 186 24.29 -10.70 -24.67
N GLN B 187 23.29 -9.81 -24.64
CA GLN B 187 23.43 -8.45 -25.13
C GLN B 187 23.66 -7.36 -24.08
N LEU B 188 23.58 -7.68 -22.80
CA LEU B 188 23.84 -6.64 -21.81
C LEU B 188 25.35 -6.55 -21.64
N GLY B 189 25.93 -5.43 -22.07
CA GLY B 189 27.35 -5.23 -21.99
C GLY B 189 27.87 -4.50 -20.77
N ASP B 190 29.19 -4.37 -20.69
CA ASP B 190 29.88 -3.70 -19.58
C ASP B 190 29.41 -2.29 -19.21
N ARG B 191 29.18 -1.46 -20.22
CA ARG B 191 28.74 -0.10 -19.98
C ARG B 191 27.43 -0.07 -19.19
N GLU B 192 26.40 -0.72 -19.72
CA GLU B 192 25.10 -0.77 -19.04
C GLU B 192 25.25 -1.34 -17.64
N LYS B 193 26.14 -2.33 -17.50
CA LYS B 193 26.40 -2.97 -16.21
C LYS B 193 26.87 -2.00 -15.13
N GLU B 194 27.88 -1.20 -15.45
CA GLU B 194 28.37 -0.26 -14.46
C GLU B 194 27.31 0.77 -14.10
N LEU B 195 26.49 1.16 -15.07
CA LEU B 195 25.42 2.13 -14.82
C LEU B 195 24.39 1.54 -13.86
N ILE B 196 24.15 0.23 -13.98
CA ILE B 196 23.20 -0.47 -13.11
C ILE B 196 23.77 -0.51 -11.71
N ARG B 197 25.08 -0.68 -11.60
CA ARG B 197 25.72 -0.70 -10.29
C ARG B 197 25.66 0.69 -9.64
N GLN B 198 25.84 1.73 -10.45
CA GLN B 198 25.82 3.13 -9.97
C GLN B 198 24.46 3.60 -9.43
N ALA B 199 23.40 3.14 -10.08
CA ALA B 199 22.04 3.49 -9.68
C ALA B 199 21.65 2.72 -8.43
N ALA B 200 21.98 1.43 -8.42
CA ALA B 200 21.69 0.57 -7.28
C ALA B 200 22.28 1.17 -6.01
N LEU B 201 23.59 1.40 -6.02
CA LEU B 201 24.29 1.98 -4.86
C LEU B 201 23.62 3.26 -4.40
N GLN B 202 23.32 4.13 -5.35
CA GLN B 202 22.68 5.40 -5.06
C GLN B 202 21.29 5.26 -4.41
N GLN B 203 20.50 4.32 -4.91
CA GLN B 203 19.13 4.10 -4.43
C GLN B 203 18.85 3.22 -3.22
N THR B 204 19.73 2.26 -2.93
CA THR B 204 19.48 1.36 -1.81
C THR B 204 19.44 2.06 -0.45
N LYS B 205 20.15 3.17 -0.32
CA LYS B 205 20.17 3.92 0.92
C LYS B 205 18.84 4.59 1.23
N GLU B 206 18.15 5.07 0.19
CA GLU B 206 16.86 5.77 0.34
C GLU B 206 15.66 4.82 0.49
N MET B 207 15.76 3.67 -0.19
CA MET B 207 14.78 2.59 -0.20
C MET B 207 13.87 2.40 1.03
N ASP B 208 12.56 2.55 0.85
CA ASP B 208 11.63 2.33 1.96
C ASP B 208 11.05 0.94 1.78
N LEU B 209 11.50 0.02 2.61
CA LEU B 209 11.03 -1.35 2.51
C LEU B 209 9.58 -1.56 2.93
N SER B 210 8.95 -0.55 3.49
CA SER B 210 7.58 -0.72 3.96
C SER B 210 6.46 -0.34 3.00
N VAL B 211 6.78 0.35 1.90
CA VAL B 211 5.71 0.74 0.99
C VAL B 211 6.19 0.59 -0.42
N VAL B 212 5.29 0.13 -1.29
CA VAL B 212 5.59 -0.10 -2.71
C VAL B 212 4.44 0.44 -3.56
N ARG B 213 4.65 0.51 -4.87
CA ARG B 213 3.63 0.96 -5.81
C ARG B 213 3.66 -0.02 -6.95
N LEU B 214 2.53 -0.20 -7.61
CA LEU B 214 2.46 -1.11 -8.75
C LEU B 214 2.54 -0.26 -10.00
N MET B 215 3.35 -0.70 -10.97
CA MET B 215 3.47 0.02 -12.22
C MET B 215 3.14 -0.91 -13.38
N PHE B 216 2.03 -0.61 -14.05
CA PHE B 216 1.56 -1.38 -15.18
C PHE B 216 1.97 -0.73 -16.46
N THR B 217 2.44 -1.54 -17.39
CA THR B 217 2.86 -1.06 -18.68
C THR B 217 2.18 -1.95 -19.70
N ALA B 218 1.50 -1.36 -20.68
CA ALA B 218 0.81 -2.15 -21.72
C ALA B 218 1.59 -2.16 -23.04
N PHE B 219 2.13 -3.32 -23.39
CA PHE B 219 2.91 -3.52 -24.63
C PHE B 219 2.08 -4.05 -25.80
N LEU B 220 1.64 -3.15 -26.68
CA LEU B 220 0.84 -3.52 -27.85
C LEU B 220 1.78 -4.17 -28.90
N PRO B 221 1.21 -4.95 -29.86
CA PRO B 221 1.99 -5.63 -30.91
C PRO B 221 2.32 -4.79 -32.17
N ASP B 222 3.55 -4.94 -32.69
CA ASP B 222 4.00 -4.21 -33.89
C ASP B 222 4.15 -5.10 -35.12
N SER B 223 5.32 -5.74 -35.23
CA SER B 223 5.60 -6.65 -36.33
C SER B 223 4.81 -7.91 -35.99
N THR B 224 4.60 -8.77 -36.99
CA THR B 224 3.85 -10.01 -36.81
C THR B 224 4.22 -10.83 -35.57
N GLY B 225 3.32 -10.82 -34.59
CA GLY B 225 3.50 -11.56 -33.35
C GLY B 225 4.05 -10.78 -32.16
N SER B 226 5.26 -10.27 -32.34
CA SER B 226 5.96 -9.50 -31.31
C SER B 226 5.24 -8.27 -30.71
N PHE B 227 5.15 -8.25 -29.38
CA PHE B 227 4.54 -7.15 -28.61
C PHE B 227 5.76 -6.34 -28.19
N THR B 228 5.86 -5.11 -28.68
CA THR B 228 7.03 -4.28 -28.36
C THR B 228 6.80 -2.82 -28.02
N ARG B 229 5.66 -2.26 -28.40
CA ARG B 229 5.42 -0.85 -28.11
C ARG B 229 4.39 -0.64 -27.03
N ARG B 230 4.85 -0.07 -25.93
CA ARG B 230 4.00 0.18 -24.79
C ARG B 230 3.46 1.58 -24.77
N LEU B 231 2.36 1.72 -24.05
CA LEU B 231 1.68 3.00 -23.86
C LEU B 231 2.37 3.58 -22.62
N GLU B 232 1.92 4.75 -22.16
CA GLU B 232 2.51 5.34 -20.96
C GLU B 232 2.15 4.46 -19.76
N PRO B 233 3.17 4.01 -19.00
CA PRO B 233 2.95 3.16 -17.82
C PRO B 233 2.15 3.90 -16.77
N VAL B 234 1.38 3.16 -15.97
CA VAL B 234 0.58 3.77 -14.93
C VAL B 234 1.02 3.23 -13.56
N VAL B 235 1.17 4.15 -12.61
CA VAL B 235 1.59 3.80 -11.26
C VAL B 235 0.37 3.87 -10.34
N SER B 236 0.18 2.83 -9.54
CA SER B 236 -0.94 2.74 -8.61
C SER B 236 -0.68 3.49 -7.32
N ASP B 237 -1.61 3.37 -6.39
CA ASP B 237 -1.45 4.00 -5.10
C ASP B 237 -0.41 3.19 -4.34
N ALA B 238 0.05 3.75 -3.23
CA ALA B 238 1.06 3.11 -2.40
C ALA B 238 0.42 1.97 -1.59
N ILE B 239 1.13 0.84 -1.52
CA ILE B 239 0.69 -0.34 -0.75
C ILE B 239 1.61 -0.44 0.45
N TYR B 240 1.07 -0.18 1.64
CA TYR B 240 1.86 -0.24 2.85
C TYR B 240 1.76 -1.58 3.56
N ASP B 241 2.92 -2.13 3.88
CA ASP B 241 3.03 -3.40 4.60
C ASP B 241 2.35 -3.25 5.95
N SER B 242 1.43 -4.15 6.25
CA SER B 242 0.67 -4.13 7.51
C SER B 242 1.53 -4.53 8.67
N LYS B 243 2.64 -5.22 8.39
CA LYS B 243 3.55 -5.66 9.41
C LYS B 243 4.50 -4.50 9.82
N ALA B 244 4.37 -3.37 9.16
CA ALA B 244 5.20 -2.21 9.45
C ALA B 244 4.58 -1.48 10.63
N PRO B 245 5.42 -1.06 11.58
CA PRO B 245 4.94 -0.35 12.77
C PRO B 245 4.05 0.87 12.49
N ASN B 246 4.39 1.64 11.46
CA ASN B 246 3.64 2.86 11.12
C ASN B 246 2.45 2.73 10.16
N ALA B 247 2.14 1.52 9.73
CA ALA B 247 1.02 1.32 8.82
C ALA B 247 0.20 0.13 9.31
N SER B 248 0.30 -0.14 10.61
CA SER B 248 -0.39 -1.24 11.26
C SER B 248 -1.90 -1.08 11.18
N ASN B 249 -2.60 -2.17 11.44
CA ASN B 249 -4.04 -2.16 11.41
C ASN B 249 -4.51 -1.48 12.70
N LEU B 250 -5.39 -0.50 12.57
CA LEU B 250 -5.92 0.19 13.74
C LEU B 250 -7.22 -0.47 14.17
N LYS B 251 -7.25 -1.02 15.38
CA LYS B 251 -8.44 -1.68 15.89
C LYS B 251 -8.54 -1.61 17.39
N ILE B 252 -9.71 -1.21 17.88
CA ILE B 252 -9.99 -1.15 19.31
C ILE B 252 -10.59 -2.53 19.57
N VAL B 253 -9.88 -3.38 20.31
CA VAL B 253 -10.38 -4.73 20.59
C VAL B 253 -11.53 -4.78 21.61
N ARG B 254 -11.37 -4.05 22.70
CA ARG B 254 -12.39 -4.00 23.73
C ARG B 254 -12.11 -2.84 24.69
N MET B 255 -13.19 -2.23 25.17
CA MET B 255 -13.08 -1.12 26.07
C MET B 255 -13.60 -1.46 27.44
N ASP B 256 -13.11 -0.69 28.38
CA ASP B 256 -13.44 -0.80 29.78
C ASP B 256 -14.90 -0.38 30.00
N ARG B 257 -15.16 0.89 29.68
CA ARG B 257 -16.48 1.48 29.81
C ARG B 257 -16.97 1.93 28.43
N THR B 258 -18.25 1.68 28.15
CA THR B 258 -18.84 2.06 26.85
C THR B 258 -19.73 3.30 26.95
N ALA B 259 -19.72 3.93 28.11
CA ALA B 259 -20.51 5.11 28.35
C ALA B 259 -19.76 5.97 29.37
N GLY B 260 -20.11 7.25 29.43
CA GLY B 260 -19.44 8.15 30.36
C GLY B 260 -20.19 9.44 30.56
N CYS B 261 -19.95 10.10 31.69
CA CYS B 261 -20.63 11.34 32.00
C CYS B 261 -20.22 12.43 31.01
N VAL B 262 -21.20 13.23 30.61
CA VAL B 262 -21.02 14.30 29.64
C VAL B 262 -19.88 15.29 29.93
N THR B 263 -19.49 15.43 31.19
CA THR B 263 -18.40 16.35 31.54
C THR B 263 -17.01 15.79 31.21
N GLY B 264 -16.94 14.48 31.03
CA GLY B 264 -15.68 13.81 30.72
C GLY B 264 -14.92 13.43 31.99
N GLY B 265 -13.62 13.16 31.84
CA GLY B 265 -12.77 12.80 32.97
C GLY B 265 -12.75 11.34 33.42
N GLU B 266 -13.70 10.54 32.93
CA GLU B 266 -13.80 9.11 33.27
C GLU B 266 -12.63 8.31 32.68
N GLU B 267 -12.01 7.49 33.53
CA GLU B 267 -10.87 6.65 33.15
C GLU B 267 -11.28 5.36 32.44
N ILE B 268 -10.78 5.18 31.22
CA ILE B 268 -11.12 3.99 30.44
C ILE B 268 -9.88 3.22 30.04
N TYR B 269 -9.96 1.91 30.17
CA TYR B 269 -8.88 1.02 29.78
C TYR B 269 -9.26 0.48 28.41
N LEU B 270 -8.55 0.92 27.38
CA LEU B 270 -8.82 0.50 26.03
C LEU B 270 -7.78 -0.49 25.53
N LEU B 271 -8.23 -1.65 25.06
CA LEU B 271 -7.33 -2.66 24.52
C LEU B 271 -7.37 -2.46 23.00
N CYS B 272 -6.21 -2.50 22.35
CA CYS B 272 -6.13 -2.27 20.90
C CYS B 272 -5.03 -3.09 20.23
N ASP B 273 -4.89 -2.93 18.92
CA ASP B 273 -3.83 -3.62 18.19
C ASP B 273 -2.56 -2.77 18.34
N LYS B 274 -1.40 -3.35 18.00
CA LYS B 274 -0.13 -2.64 18.12
C LYS B 274 -0.19 -1.21 17.62
N VAL B 275 0.14 -0.27 18.52
CA VAL B 275 0.20 1.16 18.20
C VAL B 275 1.55 1.69 18.68
N GLN B 276 1.79 2.99 18.51
CA GLN B 276 3.03 3.63 18.94
C GLN B 276 2.72 4.88 19.75
N LYS B 277 2.90 4.80 21.07
CA LYS B 277 2.59 5.89 21.99
C LYS B 277 2.65 7.32 21.47
N ASP B 278 3.69 7.66 20.73
CA ASP B 278 3.86 9.02 20.20
C ASP B 278 2.94 9.42 19.06
N ASP B 279 2.58 8.44 18.24
CA ASP B 279 1.75 8.68 17.08
C ASP B 279 0.37 8.01 17.17
N ILE B 280 -0.36 8.30 18.24
CA ILE B 280 -1.66 7.68 18.39
C ILE B 280 -2.61 8.67 19.07
N GLN B 281 -3.88 8.61 18.68
CA GLN B 281 -4.89 9.47 19.27
C GLN B 281 -6.12 8.63 19.51
N ILE B 282 -7.00 9.09 20.41
CA ILE B 282 -8.27 8.40 20.64
C ILE B 282 -9.31 9.47 20.34
N ARG B 283 -9.98 9.31 19.20
CA ARG B 283 -10.97 10.26 18.73
C ARG B 283 -12.44 9.96 18.98
N PHE B 284 -13.12 10.91 19.62
CA PHE B 284 -14.54 10.81 19.90
C PHE B 284 -15.15 11.70 18.84
N TYR B 285 -16.27 11.29 18.27
CA TYR B 285 -16.86 12.12 17.27
C TYR B 285 -18.31 11.78 17.02
N GLU B 286 -19.02 12.76 16.47
CA GLU B 286 -20.43 12.64 16.14
C GLU B 286 -20.63 13.40 14.84
N GLU B 287 -21.27 12.74 13.87
CA GLU B 287 -21.52 13.35 12.58
C GLU B 287 -22.98 13.77 12.51
N GLU B 288 -23.23 15.07 12.36
CA GLU B 288 -24.59 15.58 12.28
C GLU B 288 -24.98 15.67 10.80
N GLU B 289 -26.17 15.16 10.47
CA GLU B 289 -26.71 15.12 9.09
C GLU B 289 -26.27 16.18 8.08
N ASN B 290 -25.97 17.39 8.56
CA ASN B 290 -25.55 18.50 7.70
C ASN B 290 -24.10 18.47 7.22
N GLY B 291 -23.33 17.44 7.57
CA GLY B 291 -21.95 17.37 7.14
C GLY B 291 -20.95 17.91 8.14
N GLY B 292 -21.46 18.52 9.20
CA GLY B 292 -20.59 19.06 10.23
C GLY B 292 -20.25 17.89 11.13
N VAL B 293 -19.09 17.94 11.78
CA VAL B 293 -18.67 16.86 12.65
C VAL B 293 -18.08 17.33 13.97
N TRP B 294 -18.48 16.69 15.07
CA TRP B 294 -17.90 17.06 16.35
C TRP B 294 -16.85 16.03 16.69
N GLU B 295 -15.75 16.51 17.26
CA GLU B 295 -14.69 15.62 17.66
C GLU B 295 -14.06 16.10 18.95
N GLY B 296 -13.73 15.14 19.80
CA GLY B 296 -13.11 15.42 21.08
C GLY B 296 -12.14 14.31 21.35
N PHE B 297 -10.91 14.66 21.66
CA PHE B 297 -9.88 13.66 21.89
C PHE B 297 -9.64 13.33 23.36
N GLY B 298 -9.61 12.03 23.67
CA GLY B 298 -9.37 11.60 25.03
C GLY B 298 -7.95 11.94 25.50
N ASP B 299 -7.78 12.14 26.80
CA ASP B 299 -6.46 12.49 27.28
C ASP B 299 -5.67 11.36 27.92
N PHE B 300 -4.43 11.22 27.48
CA PHE B 300 -3.49 10.21 27.95
C PHE B 300 -2.10 10.66 27.50
N SER B 301 -1.07 10.18 28.19
CA SER B 301 0.31 10.52 27.87
C SER B 301 1.00 9.32 27.24
N PRO B 302 2.10 9.53 26.47
CA PRO B 302 2.80 8.39 25.85
C PRO B 302 3.02 7.28 26.86
N THR B 303 3.16 7.69 28.11
CA THR B 303 3.36 6.78 29.22
C THR B 303 2.15 5.90 29.54
N ASP B 304 0.96 6.39 29.27
CA ASP B 304 -0.27 5.64 29.53
C ASP B 304 -0.53 4.53 28.51
N VAL B 305 0.21 4.54 27.41
CA VAL B 305 0.11 3.54 26.33
C VAL B 305 0.88 2.30 26.79
N HIS B 306 0.15 1.28 27.24
CA HIS B 306 0.77 0.06 27.73
C HIS B 306 1.31 -0.91 26.67
N ARG B 307 2.64 -0.99 26.58
CA ARG B 307 3.32 -1.89 25.65
C ARG B 307 2.69 -2.06 24.28
N GLN B 308 2.29 -0.94 23.67
CA GLN B 308 1.68 -0.93 22.35
C GLN B 308 0.33 -1.62 22.21
N PHE B 309 -0.15 -2.29 23.27
CA PHE B 309 -1.43 -3.02 23.18
C PHE B 309 -2.57 -2.59 24.09
N ALA B 310 -2.41 -1.49 24.79
CA ALA B 310 -3.44 -1.01 25.69
C ALA B 310 -3.20 0.45 25.91
N ILE B 311 -4.26 1.21 26.13
CA ILE B 311 -4.13 2.63 26.40
C ILE B 311 -5.11 3.03 27.50
N VAL B 312 -4.62 3.76 28.50
CA VAL B 312 -5.46 4.23 29.58
C VAL B 312 -5.58 5.74 29.39
N PHE B 313 -6.81 6.20 29.19
CA PHE B 313 -7.08 7.62 28.95
C PHE B 313 -8.29 8.09 29.72
N LYS B 314 -8.49 9.41 29.73
CA LYS B 314 -9.63 9.99 30.41
C LYS B 314 -10.53 10.65 29.36
N THR B 315 -11.83 10.35 29.40
CA THR B 315 -12.80 10.88 28.44
C THR B 315 -12.77 12.39 28.28
N PRO B 316 -13.02 12.86 27.06
CA PRO B 316 -13.02 14.31 26.80
C PRO B 316 -14.40 14.87 27.15
N LYS B 317 -14.47 16.18 27.37
CA LYS B 317 -15.76 16.79 27.70
C LYS B 317 -16.62 16.75 26.46
N TYR B 318 -17.93 16.60 26.66
CA TYR B 318 -18.87 16.57 25.56
C TYR B 318 -19.00 17.96 24.92
N LYS B 319 -19.81 18.03 23.88
CA LYS B 319 -20.06 19.26 23.18
C LYS B 319 -20.90 20.20 24.04
N ASP B 320 -22.04 19.68 24.52
CA ASP B 320 -22.97 20.44 25.36
C ASP B 320 -23.20 19.68 26.68
N ILE B 321 -23.10 20.37 27.81
CA ILE B 321 -23.28 19.74 29.12
C ILE B 321 -24.72 19.41 29.51
N ASN B 322 -25.53 20.46 29.61
CA ASN B 322 -26.93 20.35 29.98
C ASN B 322 -27.78 19.71 28.86
N ILE B 323 -28.11 18.43 29.00
CA ILE B 323 -28.90 17.67 28.02
C ILE B 323 -29.89 16.73 28.76
N THR B 324 -31.01 16.39 28.13
CA THR B 324 -32.02 15.51 28.76
C THR B 324 -31.89 14.02 28.42
N LYS B 325 -31.95 13.67 27.13
CA LYS B 325 -31.80 12.28 26.70
C LYS B 325 -30.32 12.12 26.30
N PRO B 326 -29.77 10.91 26.42
CA PRO B 326 -28.36 10.66 26.07
C PRO B 326 -27.97 10.85 24.58
N ALA B 327 -26.67 11.03 24.34
CA ALA B 327 -26.12 11.22 22.98
C ALA B 327 -25.09 10.13 22.61
N SER B 328 -25.35 9.40 21.54
CA SER B 328 -24.45 8.36 21.07
C SER B 328 -23.43 8.94 20.12
N VAL B 329 -22.16 8.83 20.48
CA VAL B 329 -21.08 9.32 19.65
C VAL B 329 -20.22 8.12 19.29
N PHE B 330 -19.04 8.35 18.70
CA PHE B 330 -18.15 7.26 18.32
C PHE B 330 -16.73 7.43 18.88
N VAL B 331 -16.06 6.30 19.12
CA VAL B 331 -14.69 6.26 19.64
C VAL B 331 -13.86 5.48 18.64
N GLN B 332 -12.64 5.95 18.40
CA GLN B 332 -11.75 5.29 17.46
C GLN B 332 -10.33 5.79 17.59
N LEU B 333 -9.38 4.95 17.21
CA LEU B 333 -7.98 5.32 17.24
C LEU B 333 -7.69 6.08 15.95
N ARG B 334 -6.73 7.00 15.98
CA ARG B 334 -6.36 7.75 14.79
C ARG B 334 -4.86 7.95 14.85
N ARG B 335 -4.20 7.71 13.74
CA ARG B 335 -2.76 7.85 13.67
C ARG B 335 -2.47 9.28 13.24
N LYS B 336 -1.80 10.07 14.09
CA LYS B 336 -1.48 11.46 13.75
C LYS B 336 -0.82 11.57 12.37
N SER B 337 0.30 10.87 12.20
CA SER B 337 1.05 10.90 10.95
C SER B 337 0.23 10.84 9.68
N ASP B 338 -0.37 9.68 9.38
CA ASP B 338 -1.16 9.53 8.17
C ASP B 338 -2.67 9.73 8.34
N LEU B 339 -3.12 9.85 9.58
CA LEU B 339 -4.54 10.04 9.89
C LEU B 339 -5.43 8.84 9.65
N GLU B 340 -4.81 7.68 9.46
CA GLU B 340 -5.56 6.45 9.25
C GLU B 340 -6.36 6.21 10.52
N THR B 341 -7.52 5.58 10.39
CA THR B 341 -8.38 5.31 11.55
C THR B 341 -8.78 3.83 11.72
N SER B 342 -9.31 3.51 12.89
CA SER B 342 -9.77 2.17 13.19
C SER B 342 -11.28 2.23 13.02
N GLU B 343 -11.94 1.08 12.86
CA GLU B 343 -13.40 1.10 12.72
C GLU B 343 -13.92 1.74 13.99
N PRO B 344 -14.97 2.56 13.88
CA PRO B 344 -15.53 3.21 15.07
C PRO B 344 -16.20 2.28 16.07
N LYS B 345 -16.19 2.70 17.33
CA LYS B 345 -16.80 1.95 18.40
C LYS B 345 -17.88 2.84 19.00
N PRO B 346 -19.01 2.25 19.39
CA PRO B 346 -20.12 2.99 19.99
C PRO B 346 -19.77 3.54 21.38
N PHE B 347 -20.35 4.68 21.75
CA PHE B 347 -20.12 5.29 23.07
C PHE B 347 -21.27 6.21 23.44
N LEU B 348 -21.90 5.92 24.57
CA LEU B 348 -23.05 6.70 25.02
C LEU B 348 -22.81 7.73 26.12
N TYR B 349 -22.98 9.00 25.78
CA TYR B 349 -22.82 10.10 26.73
C TYR B 349 -24.10 10.38 27.52
N TYR B 350 -24.07 10.29 28.85
CA TYR B 350 -25.26 10.61 29.65
C TYR B 350 -25.07 11.90 30.46
N PRO B 351 -26.19 12.60 30.80
CA PRO B 351 -26.34 13.87 31.55
C PRO B 351 -25.80 14.11 32.98
N GLU B 352 -25.41 15.36 33.21
CA GLU B 352 -24.86 15.87 34.49
C GLU B 352 -25.59 15.33 35.73
#